data_4XHL
#
_entry.id   4XHL
#
_cell.length_a   137.497
_cell.length_b   137.497
_cell.length_c   94.639
_cell.angle_alpha   90.00
_cell.angle_beta   90.00
_cell.angle_gamma   120.00
#
_symmetry.space_group_name_H-M   'P 62 2 2'
#
loop_
_entity.id
_entity.type
_entity.pdbx_description
1 polymer 'Casein kinase I homolog HRR25'
2 non-polymer N-(2-AMINOETHYL)-5-CHLOROISOQUINOLINE-8-SULFONAMIDE
3 non-polymer 'SULFATE ION'
4 water water
#
_entity_poly.entity_id   1
_entity_poly.type   'polypeptide(L)'
_entity_poly.pdbx_seq_one_letter_code
;MDLRVGRKFRIGRKIGSGSFGDIYHGTNLISGEEVAIRLESIRSRHPQLDYESRVYRYLSGGVGIPFIRWFGREGEYNAM
VIDLLGPSLEDLFNYCHRRFSFKTVIMLALQMFCRIQYIHGRSFIHRDIKPDNFLMGVGRRGSTVHVIDFGLSKKYRDFN
THRHIPYRENKSLTGTARYASVNTHLGIEQSRRDDLESLGYVLIYFCKGSLPWQGLKATTKKQKYDRIMEKKLNVSVETL
CSGLPLEFQEYMAYCKNLKFDEKPDYLFLARLFKDLSIKLEYHNDHLFDWTMLRYTKAMVEKQRDLLIEKGDLNANSNAA
SASNSTDNKSETFNKIKLLAMKKFPTHFHYYKNEDKHNPSPEEIKQQTILNNNAASSLPEELLNALDKGMENLR
;
_entity_poly.pdbx_strand_id   A
#
# COMPACT_ATOMS: atom_id res chain seq x y z
N VAL A 5 19.00 -17.90 -18.49
CA VAL A 5 19.50 -17.03 -19.55
C VAL A 5 19.56 -15.58 -19.07
N GLY A 6 20.30 -14.74 -19.79
CA GLY A 6 20.44 -13.35 -19.43
C GLY A 6 21.79 -13.03 -18.83
N ARG A 7 21.99 -11.77 -18.46
CA ARG A 7 23.24 -11.33 -17.84
C ARG A 7 23.01 -10.61 -16.52
N LYS A 8 23.54 -11.16 -15.43
CA LYS A 8 24.22 -12.45 -15.47
C LYS A 8 23.57 -13.37 -14.44
N PHE A 9 22.30 -13.10 -14.18
CA PHE A 9 21.45 -13.98 -13.40
C PHE A 9 20.63 -14.83 -14.38
N ARG A 10 20.24 -16.03 -13.96
CA ARG A 10 19.43 -16.87 -14.83
C ARG A 10 17.95 -16.79 -14.44
N ILE A 11 17.12 -16.43 -15.41
CA ILE A 11 15.68 -16.33 -15.17
C ILE A 11 15.02 -17.71 -15.21
N GLY A 12 14.00 -17.90 -14.38
CA GLY A 12 13.34 -19.19 -14.30
C GLY A 12 11.83 -19.09 -14.34
N ARG A 13 11.19 -19.51 -13.25
CA ARG A 13 9.74 -19.53 -13.15
C ARG A 13 9.15 -18.13 -13.24
N LYS A 14 8.02 -18.01 -13.93
CA LYS A 14 7.35 -16.73 -14.08
C LYS A 14 6.52 -16.38 -12.84
N ILE A 15 6.83 -15.25 -12.21
CA ILE A 15 6.11 -14.81 -11.03
C ILE A 15 5.59 -13.39 -11.19
N GLY A 21 5.16 -11.28 -19.34
CA GLY A 21 5.41 -11.54 -17.95
C GLY A 21 4.81 -10.51 -17.03
N ASP A 22 5.61 -9.51 -16.64
CA ASP A 22 6.99 -9.42 -17.08
C ASP A 22 7.97 -9.67 -15.94
N ILE A 23 7.46 -10.19 -14.83
CA ILE A 23 8.30 -10.53 -13.68
C ILE A 23 8.58 -12.03 -13.63
N TYR A 24 9.86 -12.38 -13.53
CA TYR A 24 10.26 -13.78 -13.45
C TYR A 24 11.09 -14.06 -12.20
N HIS A 25 10.99 -15.28 -11.69
CA HIS A 25 11.87 -15.73 -10.64
C HIS A 25 13.26 -15.95 -11.24
N GLY A 26 14.29 -15.48 -10.54
CA GLY A 26 15.65 -15.58 -11.02
C GLY A 26 16.62 -16.10 -9.98
N THR A 27 17.78 -16.56 -10.45
CA THR A 27 18.80 -17.10 -9.55
C THR A 27 20.14 -16.40 -9.75
N ASN A 28 20.71 -15.91 -8.66
CA ASN A 28 22.05 -15.34 -8.68
C ASN A 28 23.08 -16.45 -8.81
N LEU A 29 23.74 -16.51 -9.96
CA LEU A 29 24.73 -17.54 -10.23
C LEU A 29 25.99 -17.37 -9.38
N ILE A 30 26.23 -16.14 -8.96
CA ILE A 30 27.43 -15.81 -8.18
C ILE A 30 27.33 -16.32 -6.75
N SER A 31 26.15 -16.18 -6.15
CA SER A 31 25.97 -16.51 -4.74
C SER A 31 24.92 -17.59 -4.50
N GLY A 32 23.79 -17.48 -5.20
CA GLY A 32 22.68 -18.39 -4.98
C GLY A 32 21.51 -17.61 -4.42
N GLU A 33 21.74 -16.31 -4.21
CA GLU A 33 20.74 -15.40 -3.70
C GLU A 33 19.55 -15.35 -4.66
N GLU A 34 18.34 -15.22 -4.11
CA GLU A 34 17.15 -15.18 -4.94
C GLU A 34 16.93 -13.78 -5.52
N VAL A 35 16.38 -13.72 -6.73
CA VAL A 35 16.26 -12.47 -7.47
C VAL A 35 14.92 -12.34 -8.21
N ALA A 36 14.26 -11.20 -8.03
CA ALA A 36 13.09 -10.87 -8.81
C ALA A 36 13.53 -9.95 -9.97
N ILE A 37 13.35 -10.43 -11.19
CA ILE A 37 13.85 -9.73 -12.37
C ILE A 37 12.76 -9.43 -13.39
N ARG A 38 12.70 -8.18 -13.84
CA ARG A 38 11.73 -7.77 -14.84
C ARG A 38 12.44 -7.27 -16.10
N LEU A 39 11.86 -7.57 -17.25
CA LEU A 39 12.33 -7.00 -18.51
C LEU A 39 11.17 -6.36 -19.25
N GLU A 40 11.37 -5.13 -19.71
CA GLU A 40 10.34 -4.43 -20.45
C GLU A 40 10.36 -4.82 -21.92
N SER A 41 9.39 -4.32 -22.68
CA SER A 41 9.29 -4.66 -24.10
C SER A 41 9.54 -3.45 -25.00
N ILE A 42 10.81 -3.20 -25.34
CA ILE A 42 11.20 -2.19 -26.29
C ILE A 42 10.57 -2.46 -27.67
N ARG A 43 9.90 -1.47 -28.26
CA ARG A 43 9.75 -0.12 -27.73
C ARG A 43 8.30 0.24 -27.43
N SER A 44 7.46 -0.77 -27.19
CA SER A 44 6.02 -0.53 -27.10
C SER A 44 5.39 -1.26 -25.92
N ARG A 45 4.48 -0.60 -25.20
CA ARG A 45 4.06 0.78 -25.48
C ARG A 45 4.52 1.74 -24.36
N HIS A 46 5.17 2.83 -24.74
CA HIS A 46 5.72 3.82 -23.81
C HIS A 46 6.49 3.20 -22.63
N PRO A 47 7.59 2.46 -22.92
CA PRO A 47 8.35 1.80 -21.85
C PRO A 47 9.10 2.82 -20.98
N GLN A 48 9.24 2.53 -19.70
CA GLN A 48 9.79 3.51 -18.77
C GLN A 48 10.70 2.87 -17.71
N LEU A 49 11.06 1.61 -17.90
CA LEU A 49 11.79 0.83 -16.90
C LEU A 49 13.09 1.48 -16.42
N ASP A 50 13.85 2.06 -17.34
CA ASP A 50 15.13 2.67 -16.99
C ASP A 50 14.92 3.82 -16.01
N TYR A 51 13.87 4.59 -16.23
CA TYR A 51 13.54 5.72 -15.37
C TYR A 51 13.18 5.26 -13.97
N GLU A 52 12.44 4.16 -13.90
CA GLU A 52 12.07 3.56 -12.61
C GLU A 52 13.32 3.10 -11.86
N SER A 53 14.27 2.54 -12.60
CA SER A 53 15.52 2.09 -12.01
C SER A 53 16.31 3.26 -11.43
N ARG A 54 16.20 4.41 -12.09
CA ARG A 54 16.85 5.63 -11.61
C ARG A 54 16.19 6.11 -10.32
N VAL A 55 14.87 6.00 -10.26
CA VAL A 55 14.12 6.38 -9.07
C VAL A 55 14.53 5.53 -7.87
N TYR A 56 14.64 4.23 -8.10
CA TYR A 56 15.11 3.29 -7.08
C TYR A 56 16.49 3.68 -6.55
N ARG A 57 17.38 4.01 -7.48
CA ARG A 57 18.76 4.39 -7.16
C ARG A 57 18.84 5.62 -6.25
N TYR A 58 17.97 6.59 -6.50
CA TYR A 58 17.93 7.81 -5.72
C TYR A 58 17.28 7.58 -4.36
N LEU A 59 16.36 6.62 -4.31
CA LEU A 59 15.61 6.34 -3.10
C LEU A 59 16.32 5.37 -2.18
N SER A 60 17.36 4.70 -2.69
CA SER A 60 18.06 3.68 -1.92
C SER A 60 18.68 4.24 -0.65
N GLY A 61 18.90 3.37 0.33
CA GLY A 61 19.45 3.79 1.60
C GLY A 61 18.37 3.86 2.67
N GLY A 62 17.12 3.93 2.23
CA GLY A 62 16.00 3.99 3.15
C GLY A 62 15.39 2.63 3.39
N VAL A 63 14.76 2.47 4.55
CA VAL A 63 14.11 1.21 4.91
C VAL A 63 12.87 0.99 4.05
N GLY A 64 12.63 -0.27 3.69
CA GLY A 64 11.49 -0.60 2.85
C GLY A 64 11.71 -0.25 1.39
N ILE A 65 12.97 -0.04 1.02
CA ILE A 65 13.31 0.25 -0.36
C ILE A 65 14.02 -0.93 -1.00
N PRO A 66 13.42 -1.50 -2.06
CA PRO A 66 14.01 -2.61 -2.82
C PRO A 66 15.37 -2.24 -3.39
N PHE A 67 16.30 -3.18 -3.37
CA PHE A 67 17.66 -2.92 -3.85
C PHE A 67 17.87 -3.45 -5.26
N ILE A 68 18.21 -2.54 -6.17
CA ILE A 68 18.50 -2.91 -7.56
C ILE A 68 19.92 -3.47 -7.68
N ARG A 69 20.02 -4.77 -7.83
CA ARG A 69 21.33 -5.41 -8.00
C ARG A 69 21.98 -4.97 -9.30
N TRP A 70 21.23 -5.11 -10.40
CA TRP A 70 21.76 -4.71 -11.71
C TRP A 70 20.65 -4.28 -12.67
N PHE A 71 20.89 -3.18 -13.36
CA PHE A 71 20.04 -2.79 -14.48
C PHE A 71 20.88 -2.54 -15.72
N GLY A 72 20.35 -2.97 -16.87
CA GLY A 72 21.03 -2.77 -18.13
C GLY A 72 20.17 -3.23 -19.30
N ARG A 73 20.80 -3.45 -20.45
CA ARG A 73 20.10 -3.95 -21.62
C ARG A 73 20.56 -5.36 -21.96
N GLU A 74 19.66 -6.33 -21.83
CA GLU A 74 19.99 -7.72 -22.10
C GLU A 74 19.42 -8.20 -23.43
N GLY A 75 20.31 -8.47 -24.38
CA GLY A 75 19.89 -8.90 -25.70
C GLY A 75 19.05 -7.85 -26.39
N GLU A 76 17.75 -8.06 -26.39
CA GLU A 76 16.83 -7.10 -26.99
C GLU A 76 16.22 -6.19 -25.94
N TYR A 77 15.77 -6.78 -24.84
CA TYR A 77 15.03 -6.06 -23.81
C TYR A 77 15.91 -5.59 -22.66
N ASN A 78 15.63 -4.38 -22.16
CA ASN A 78 16.28 -3.90 -20.95
C ASN A 78 15.77 -4.66 -19.74
N ALA A 79 16.63 -4.91 -18.77
CA ALA A 79 16.27 -5.70 -17.61
C ALA A 79 16.62 -5.03 -16.29
N MET A 80 15.69 -5.09 -15.34
CA MET A 80 15.94 -4.60 -13.99
C MET A 80 15.93 -5.77 -13.01
N VAL A 81 16.82 -5.73 -12.03
CA VAL A 81 17.00 -6.85 -11.12
C VAL A 81 16.89 -6.42 -9.67
N ILE A 82 15.95 -7.02 -8.95
CA ILE A 82 15.76 -6.77 -7.52
C ILE A 82 15.79 -8.09 -6.77
N ASP A 83 16.24 -8.05 -5.52
CA ASP A 83 16.16 -9.22 -4.65
C ASP A 83 14.69 -9.51 -4.32
N LEU A 84 14.39 -10.78 -4.05
CA LEU A 84 13.02 -11.22 -3.80
C LEU A 84 12.44 -10.54 -2.55
N LEU A 85 11.14 -10.26 -2.59
CA LEU A 85 10.50 -9.49 -1.52
C LEU A 85 9.19 -10.09 -1.01
N GLY A 86 9.04 -11.40 -1.14
CA GLY A 86 7.87 -12.09 -0.61
C GLY A 86 6.56 -11.64 -1.23
N PRO A 87 5.45 -11.84 -0.50
CA PRO A 87 4.11 -11.56 -0.99
C PRO A 87 3.66 -10.11 -0.78
N SER A 88 2.77 -9.64 -1.64
CA SER A 88 2.19 -8.32 -1.48
C SER A 88 1.19 -8.34 -0.33
N LEU A 89 0.73 -7.16 0.09
CA LEU A 89 -0.23 -7.09 1.18
C LEU A 89 -1.62 -7.51 0.70
N GLU A 90 -1.80 -7.56 -0.62
CA GLU A 90 -3.05 -8.02 -1.20
C GLU A 90 -3.11 -9.55 -1.19
N ASP A 91 -1.96 -10.18 -1.34
CA ASP A 91 -1.86 -11.63 -1.29
C ASP A 91 -2.06 -12.13 0.14
N LEU A 92 -1.59 -11.32 1.10
CA LEU A 92 -1.82 -11.62 2.51
C LEU A 92 -3.26 -11.27 2.88
N PHE A 93 -3.80 -10.26 2.20
CA PHE A 93 -5.21 -9.89 2.33
C PHE A 93 -6.08 -11.09 1.96
N ASN A 94 -5.79 -11.67 0.80
CA ASN A 94 -6.50 -12.86 0.35
C ASN A 94 -6.26 -14.05 1.28
N TYR A 95 -5.04 -14.16 1.81
CA TYR A 95 -4.68 -15.25 2.69
C TYR A 95 -5.46 -15.20 4.01
N CYS A 96 -5.94 -14.00 4.35
CA CYS A 96 -6.73 -13.81 5.56
C CYS A 96 -8.20 -13.53 5.22
N HIS A 97 -8.64 -14.05 4.08
CA HIS A 97 -10.01 -13.89 3.58
C HIS A 97 -10.43 -12.42 3.46
N ARG A 98 -9.54 -11.60 2.93
CA ARG A 98 -9.86 -10.20 2.62
C ARG A 98 -10.39 -9.43 3.82
N ARG A 99 -9.71 -9.57 4.96
CA ARG A 99 -10.04 -8.79 6.16
C ARG A 99 -8.89 -8.83 7.16
N PHE A 100 -8.51 -7.66 7.65
CA PHE A 100 -7.42 -7.55 8.60
C PHE A 100 -7.91 -7.09 9.97
N SER A 101 -7.28 -7.59 11.03
CA SER A 101 -7.57 -7.14 12.38
C SER A 101 -7.09 -5.70 12.55
N PHE A 102 -7.64 -5.01 13.55
CA PHE A 102 -7.28 -3.62 13.79
C PHE A 102 -5.81 -3.47 14.16
N LYS A 103 -5.23 -4.50 14.78
CA LYS A 103 -3.82 -4.47 15.14
C LYS A 103 -2.94 -4.47 13.90
N THR A 104 -3.27 -5.34 12.96
CA THR A 104 -2.52 -5.46 11.72
C THR A 104 -2.65 -4.19 10.88
N VAL A 105 -3.88 -3.70 10.74
CA VAL A 105 -4.14 -2.49 9.97
C VAL A 105 -3.34 -1.31 10.51
N ILE A 106 -3.37 -1.13 11.84
CA ILE A 106 -2.64 -0.05 12.49
C ILE A 106 -1.13 -0.19 12.27
N MET A 107 -0.61 -1.39 12.51
CA MET A 107 0.82 -1.63 12.34
C MET A 107 1.25 -1.45 10.90
N LEU A 108 0.41 -1.88 9.96
CA LEU A 108 0.69 -1.67 8.54
C LEU A 108 0.66 -0.18 8.22
N ALA A 109 -0.32 0.52 8.79
CA ALA A 109 -0.47 1.96 8.57
C ALA A 109 0.74 2.71 9.09
N LEU A 110 1.30 2.25 10.20
CA LEU A 110 2.45 2.90 10.82
C LEU A 110 3.70 2.82 9.96
N GLN A 111 4.03 1.62 9.50
CA GLN A 111 5.20 1.45 8.65
C GLN A 111 4.99 2.14 7.31
N MET A 112 3.79 1.98 6.74
CA MET A 112 3.43 2.64 5.49
C MET A 112 3.63 4.15 5.57
N PHE A 113 3.29 4.74 6.71
CA PHE A 113 3.48 6.16 6.95
C PHE A 113 4.95 6.55 6.76
N CYS A 114 5.83 5.83 7.46
CA CYS A 114 7.27 6.13 7.41
C CYS A 114 7.87 5.90 6.02
N ARG A 115 7.40 4.88 5.32
CA ARG A 115 7.89 4.60 3.97
C ARG A 115 7.48 5.72 3.03
N ILE A 116 6.20 6.09 3.07
CA ILE A 116 5.68 7.15 2.22
C ILE A 116 6.28 8.50 2.60
N GLN A 117 6.50 8.72 3.90
CA GLN A 117 7.16 9.93 4.38
C GLN A 117 8.56 10.05 3.79
N TYR A 118 9.30 8.94 3.80
CA TYR A 118 10.65 8.92 3.28
C TYR A 118 10.68 9.31 1.81
N ILE A 119 9.78 8.73 1.03
CA ILE A 119 9.67 9.04 -0.39
C ILE A 119 9.43 10.53 -0.60
N HIS A 120 8.52 11.10 0.19
CA HIS A 120 8.22 12.52 0.12
C HIS A 120 9.41 13.35 0.58
N GLY A 121 10.16 12.83 1.55
CA GLY A 121 11.38 13.47 2.01
C GLY A 121 12.43 13.48 0.92
N ARG A 122 12.38 12.47 0.04
CA ARG A 122 13.28 12.40 -1.10
C ARG A 122 12.63 13.05 -2.32
N SER A 123 11.73 13.98 -2.07
CA SER A 123 11.16 14.84 -3.10
C SER A 123 10.32 14.11 -4.15
N PHE A 124 9.94 12.87 -3.90
CA PHE A 124 9.14 12.11 -4.85
C PHE A 124 7.74 11.79 -4.34
N ILE A 125 6.85 11.41 -5.26
CA ILE A 125 5.52 10.90 -4.90
C ILE A 125 5.22 9.64 -5.72
N HIS A 126 4.75 8.60 -5.04
CA HIS A 126 4.55 7.30 -5.66
C HIS A 126 3.43 7.29 -6.69
N ARG A 127 2.30 7.90 -6.32
CA ARG A 127 1.17 8.11 -7.23
C ARG A 127 0.49 6.84 -7.73
N ASP A 128 0.68 5.73 -7.03
CA ASP A 128 -0.04 4.50 -7.35
C ASP A 128 -0.73 3.97 -6.10
N ILE A 129 0.07 3.67 -5.07
CA ILE A 129 -0.43 3.30 -3.75
C ILE A 129 -1.60 2.32 -3.76
N LYS A 130 -1.30 1.06 -4.05
CA LYS A 130 -2.28 -0.01 -3.92
C LYS A 130 -1.64 -1.13 -3.11
N PRO A 131 -2.47 -1.97 -2.44
CA PRO A 131 -1.95 -3.10 -1.66
C PRO A 131 -1.01 -3.99 -2.47
N ASP A 132 -1.24 -4.03 -3.79
CA ASP A 132 -0.38 -4.78 -4.70
C ASP A 132 1.04 -4.22 -4.72
N ASN A 133 1.18 -2.94 -4.38
CA ASN A 133 2.47 -2.26 -4.41
C ASN A 133 3.16 -2.21 -3.05
N PHE A 134 2.69 -3.03 -2.12
CA PHE A 134 3.32 -3.15 -0.81
C PHE A 134 3.71 -4.59 -0.52
N LEU A 135 4.99 -4.88 -0.61
CA LEU A 135 5.50 -6.25 -0.42
C LEU A 135 6.31 -6.34 0.88
N MET A 136 6.21 -7.48 1.55
CA MET A 136 6.82 -7.62 2.88
C MET A 136 8.32 -7.85 2.84
N GLY A 137 8.73 -9.04 2.39
CA GLY A 137 10.13 -9.41 2.38
C GLY A 137 10.27 -10.91 2.54
N VAL A 138 11.49 -11.41 2.33
CA VAL A 138 11.71 -12.85 2.27
C VAL A 138 12.18 -13.45 3.58
N GLY A 139 13.11 -12.79 4.25
CA GLY A 139 13.73 -13.37 5.44
C GLY A 139 13.52 -12.59 6.73
N ARG A 140 14.63 -12.08 7.28
CA ARG A 140 14.57 -11.26 8.49
C ARG A 140 13.75 -9.99 8.24
N ARG A 141 13.82 -9.51 7.00
CA ARG A 141 13.06 -8.33 6.59
C ARG A 141 11.65 -8.72 6.16
N GLY A 142 11.17 -9.84 6.69
CA GLY A 142 9.82 -10.31 6.41
C GLY A 142 8.80 -9.68 7.32
N SER A 143 9.27 -8.80 8.21
CA SER A 143 8.41 -8.05 9.08
C SER A 143 8.27 -6.62 8.57
N THR A 144 9.28 -6.19 7.80
CA THR A 144 9.29 -4.84 7.24
C THR A 144 8.37 -4.77 6.03
N VAL A 145 7.91 -3.57 5.69
CA VAL A 145 7.10 -3.36 4.50
C VAL A 145 7.87 -2.57 3.45
N HIS A 146 7.90 -3.09 2.22
CA HIS A 146 8.62 -2.43 1.13
C HIS A 146 7.64 -1.83 0.10
N VAL A 147 8.16 -0.90 -0.71
CA VAL A 147 7.35 -0.21 -1.71
C VAL A 147 7.90 -0.46 -3.13
N ILE A 148 7.01 -0.75 -4.07
CA ILE A 148 7.45 -1.04 -5.45
C ILE A 148 6.72 -0.23 -6.51
N ASP A 149 7.12 -0.44 -7.77
CA ASP A 149 6.50 0.19 -8.93
C ASP A 149 6.49 1.72 -8.85
N PHE A 150 7.63 2.32 -9.16
CA PHE A 150 7.73 3.78 -9.19
C PHE A 150 7.63 4.29 -10.62
N GLY A 151 7.04 3.48 -11.49
CA GLY A 151 6.91 3.82 -12.89
C GLY A 151 6.04 5.04 -13.16
N LEU A 152 5.20 5.37 -12.19
CA LEU A 152 4.31 6.52 -12.31
C LEU A 152 4.74 7.65 -11.39
N SER A 153 5.83 7.42 -10.66
CA SER A 153 6.29 8.39 -9.68
C SER A 153 6.90 9.62 -10.33
N LYS A 154 6.64 10.78 -9.73
CA LYS A 154 7.20 12.04 -10.20
C LYS A 154 7.77 12.81 -9.02
N LYS A 155 8.82 13.59 -9.25
CA LYS A 155 9.34 14.45 -8.19
C LYS A 155 8.50 15.73 -8.12
N TYR A 156 7.99 16.02 -6.92
CA TYR A 156 7.06 17.13 -6.73
C TYR A 156 7.80 18.43 -6.39
N ARG A 157 8.88 18.32 -5.61
CA ARG A 157 9.67 19.50 -5.29
C ARG A 157 11.06 19.39 -5.90
N ASP A 158 11.56 20.51 -6.41
CA ASP A 158 12.92 20.55 -6.93
C ASP A 158 13.89 20.27 -5.80
N PHE A 159 15.06 19.76 -6.15
CA PHE A 159 15.94 19.10 -5.18
C PHE A 159 16.64 20.05 -4.19
N ASN A 160 17.26 21.10 -4.72
CA ASN A 160 17.98 22.05 -3.88
C ASN A 160 17.10 23.17 -3.37
N THR A 161 16.23 23.68 -4.24
CA THR A 161 15.42 24.84 -3.91
C THR A 161 14.15 24.46 -3.17
N HIS A 162 13.80 23.17 -3.20
CA HIS A 162 12.60 22.64 -2.55
C HIS A 162 11.31 23.33 -3.02
N ARG A 163 11.35 23.92 -4.22
CA ARG A 163 10.17 24.60 -4.76
C ARG A 163 9.20 23.59 -5.37
N HIS A 164 7.94 23.70 -4.99
CA HIS A 164 6.90 22.77 -5.44
C HIS A 164 6.58 22.97 -6.92
N ILE A 165 6.30 21.88 -7.62
CA ILE A 165 5.88 21.95 -9.02
C ILE A 165 4.57 22.72 -9.16
N PRO A 166 4.46 23.55 -10.19
CA PRO A 166 3.29 24.41 -10.43
C PRO A 166 1.98 23.63 -10.54
N TYR A 167 0.87 24.32 -10.32
CA TYR A 167 -0.47 23.73 -10.37
C TYR A 167 -0.91 23.50 -11.81
N ARG A 168 -1.39 22.30 -12.09
CA ARG A 168 -1.87 21.93 -13.43
C ARG A 168 -3.21 21.20 -13.34
N GLU A 169 -3.94 21.16 -14.45
CA GLU A 169 -5.22 20.47 -14.50
C GLU A 169 -5.48 19.78 -15.84
N ASN A 170 -6.68 19.23 -15.98
CA ASN A 170 -7.17 18.64 -17.23
C ASN A 170 -6.36 17.42 -17.71
N LYS A 171 -5.44 16.93 -16.89
CA LYS A 171 -4.65 15.77 -17.26
C LYS A 171 -5.40 14.48 -16.92
N SER A 172 -4.85 13.34 -17.34
CA SER A 172 -5.49 12.05 -17.10
C SER A 172 -5.15 11.50 -15.72
N LEU A 173 -5.83 10.42 -15.33
CA LEU A 173 -5.61 9.79 -14.02
C LEU A 173 -4.70 8.57 -14.13
N THR A 174 -3.83 8.40 -13.13
CA THR A 174 -2.96 7.22 -13.05
C THR A 174 -2.85 6.74 -11.60
N GLY A 175 -3.06 5.44 -11.37
CA GLY A 175 -3.37 4.50 -12.42
C GLY A 175 -4.54 3.59 -12.07
N THR A 176 -4.69 3.27 -10.79
CA THR A 176 -5.79 2.42 -10.33
C THR A 176 -6.87 3.25 -9.64
N ALA A 177 -8.07 3.23 -10.21
CA ALA A 177 -9.16 4.09 -9.77
C ALA A 177 -9.68 3.76 -8.38
N ARG A 178 -9.65 2.49 -8.01
CA ARG A 178 -10.20 2.03 -6.74
C ARG A 178 -9.55 2.75 -5.56
N TYR A 179 -8.24 2.97 -5.64
CA TYR A 179 -7.51 3.61 -4.55
C TYR A 179 -7.10 5.04 -4.95
N ALA A 180 -7.55 5.48 -6.11
CA ALA A 180 -7.18 6.80 -6.62
C ALA A 180 -7.78 7.93 -5.79
N SER A 181 -7.09 9.07 -5.75
CA SER A 181 -7.57 10.24 -5.04
C SER A 181 -8.71 10.89 -5.80
N VAL A 182 -9.57 11.61 -5.10
CA VAL A 182 -10.70 12.30 -5.72
C VAL A 182 -10.20 13.41 -6.66
N ASN A 183 -9.17 14.12 -6.23
CA ASN A 183 -8.56 15.17 -7.04
C ASN A 183 -8.01 14.65 -8.36
N THR A 184 -7.48 13.43 -8.33
CA THR A 184 -6.91 12.81 -9.52
C THR A 184 -8.00 12.53 -10.55
N HIS A 185 -9.19 12.16 -10.08
CA HIS A 185 -10.34 11.97 -10.96
C HIS A 185 -10.73 13.27 -11.65
N LEU A 186 -10.48 14.38 -10.97
CA LEU A 186 -10.80 15.71 -11.49
C LEU A 186 -9.72 16.21 -12.44
N GLY A 187 -8.71 15.38 -12.67
CA GLY A 187 -7.62 15.73 -13.57
C GLY A 187 -6.64 16.70 -12.96
N ILE A 188 -6.65 16.80 -11.64
CA ILE A 188 -5.74 17.70 -10.93
C ILE A 188 -4.36 17.07 -10.77
N GLU A 189 -3.32 17.88 -10.94
CA GLU A 189 -1.95 17.44 -10.70
C GLU A 189 -1.84 16.85 -9.30
N GLN A 190 -1.09 15.76 -9.17
CA GLN A 190 -1.02 15.04 -7.92
C GLN A 190 0.07 15.59 -7.00
N SER A 191 -0.30 15.84 -5.75
CA SER A 191 0.65 16.26 -4.74
C SER A 191 0.83 15.18 -3.68
N ARG A 192 1.48 15.53 -2.59
CA ARG A 192 1.71 14.59 -1.50
C ARG A 192 0.40 14.13 -0.89
N ARG A 193 -0.53 15.06 -0.73
CA ARG A 193 -1.83 14.80 -0.14
C ARG A 193 -2.56 13.63 -0.79
N ASP A 194 -2.37 13.47 -2.10
CA ASP A 194 -3.07 12.45 -2.85
C ASP A 194 -2.50 11.06 -2.56
N ASP A 195 -1.21 10.99 -2.25
CA ASP A 195 -0.58 9.73 -1.85
C ASP A 195 -1.14 9.27 -0.50
N LEU A 196 -1.37 10.24 0.38
CA LEU A 196 -1.89 9.96 1.72
C LEU A 196 -3.36 9.58 1.70
N GLU A 197 -4.11 10.20 0.80
CA GLU A 197 -5.53 9.90 0.67
C GLU A 197 -5.71 8.48 0.14
N SER A 198 -4.90 8.13 -0.86
CA SER A 198 -4.90 6.78 -1.42
C SER A 198 -4.57 5.76 -0.33
N LEU A 199 -3.62 6.13 0.52
CA LEU A 199 -3.21 5.29 1.64
C LEU A 199 -4.37 5.05 2.60
N GLY A 200 -5.14 6.10 2.84
CA GLY A 200 -6.31 5.98 3.71
C GLY A 200 -7.35 5.05 3.12
N TYR A 201 -7.54 5.13 1.81
CA TYR A 201 -8.45 4.24 1.10
C TYR A 201 -8.03 2.79 1.26
N VAL A 202 -6.72 2.55 1.24
CA VAL A 202 -6.17 1.21 1.40
C VAL A 202 -6.41 0.67 2.82
N LEU A 203 -6.30 1.55 3.80
CA LEU A 203 -6.49 1.16 5.20
C LEU A 203 -7.93 0.74 5.46
N ILE A 204 -8.88 1.49 4.89
CA ILE A 204 -10.29 1.13 4.96
C ILE A 204 -10.53 -0.18 4.21
N TYR A 205 -9.85 -0.32 3.07
CA TYR A 205 -9.91 -1.54 2.26
C TYR A 205 -9.48 -2.76 3.08
N PHE A 206 -8.55 -2.54 4.00
CA PHE A 206 -8.07 -3.62 4.87
C PHE A 206 -9.05 -3.89 6.01
N CYS A 207 -9.67 -2.81 6.52
CA CYS A 207 -10.60 -2.93 7.63
C CYS A 207 -11.92 -3.57 7.23
N LYS A 208 -12.60 -2.94 6.28
CA LYS A 208 -13.90 -3.42 5.83
C LYS A 208 -13.78 -4.61 4.89
N GLY A 209 -12.78 -4.57 4.01
CA GLY A 209 -12.59 -5.62 3.02
C GLY A 209 -13.11 -5.21 1.66
N SER A 210 -13.72 -4.03 1.60
CA SER A 210 -14.31 -3.56 0.36
C SER A 210 -14.45 -2.04 0.33
N LEU A 211 -14.63 -1.49 -0.87
CA LEU A 211 -14.87 -0.07 -1.07
C LEU A 211 -16.18 0.14 -1.81
N PRO A 212 -16.91 1.22 -1.49
CA PRO A 212 -18.23 1.49 -2.07
C PRO A 212 -18.24 1.61 -3.60
N TRP A 213 -17.10 1.86 -4.21
CA TRP A 213 -17.05 2.13 -5.66
C TRP A 213 -16.59 0.93 -6.50
N GLN A 214 -15.99 -0.07 -5.87
CA GLN A 214 -15.54 -1.23 -6.62
C GLN A 214 -16.69 -2.19 -6.90
N GLY A 215 -16.69 -2.78 -8.10
CA GLY A 215 -17.73 -3.69 -8.51
C GLY A 215 -18.86 -3.01 -9.26
N LEU A 216 -18.51 -2.04 -10.09
CA LEU A 216 -19.50 -1.27 -10.84
C LEU A 216 -19.57 -1.68 -12.30
N LYS A 217 -20.49 -1.07 -13.04
CA LYS A 217 -20.77 -1.44 -14.43
C LYS A 217 -20.32 -0.36 -15.41
N ALA A 218 -19.74 -0.78 -16.54
CA ALA A 218 -19.27 0.17 -17.54
C ALA A 218 -19.16 -0.45 -18.93
N THR A 219 -19.11 0.42 -19.95
CA THR A 219 -18.95 -0.03 -21.33
C THR A 219 -17.61 0.44 -21.88
N THR A 220 -16.91 1.27 -21.11
CA THR A 220 -15.65 1.86 -21.55
C THR A 220 -14.87 2.37 -20.34
N LYS A 221 -13.54 2.39 -20.46
CA LYS A 221 -12.63 2.89 -19.43
C LYS A 221 -13.08 4.21 -18.80
N LYS A 222 -13.37 5.20 -19.64
CA LYS A 222 -13.74 6.53 -19.17
C LYS A 222 -15.06 6.52 -18.41
N GLN A 223 -16.04 5.79 -18.94
CA GLN A 223 -17.33 5.65 -18.28
C GLN A 223 -17.17 4.94 -16.94
N LYS A 224 -16.22 4.01 -16.91
CA LYS A 224 -15.88 3.29 -15.68
C LYS A 224 -15.33 4.24 -14.64
N TYR A 225 -14.37 5.06 -15.04
CA TYR A 225 -13.74 6.04 -14.15
C TYR A 225 -14.74 7.06 -13.63
N ASP A 226 -15.63 7.51 -14.52
CA ASP A 226 -16.60 8.52 -14.16
C ASP A 226 -17.63 7.99 -13.17
N ARG A 227 -17.98 6.71 -13.30
CA ARG A 227 -18.96 6.12 -12.40
C ARG A 227 -18.37 5.92 -11.01
N ILE A 228 -17.09 5.56 -10.97
CA ILE A 228 -16.36 5.47 -9.72
C ILE A 228 -16.23 6.86 -9.11
N MET A 229 -16.05 7.84 -9.99
CA MET A 229 -15.94 9.24 -9.60
C MET A 229 -17.24 9.74 -8.96
N GLU A 230 -18.38 9.37 -9.53
CA GLU A 230 -19.68 9.77 -9.00
C GLU A 230 -19.91 9.17 -7.62
N LYS A 231 -19.58 7.89 -7.47
CA LYS A 231 -19.78 7.19 -6.20
C LYS A 231 -18.92 7.78 -5.10
N LYS A 232 -17.66 8.10 -5.43
CA LYS A 232 -16.74 8.68 -4.46
C LYS A 232 -17.22 10.04 -3.96
N LEU A 233 -17.82 10.81 -4.86
CA LEU A 233 -18.32 12.14 -4.52
C LEU A 233 -19.57 12.06 -3.65
N ASN A 234 -20.38 11.03 -3.87
CA ASN A 234 -21.63 10.88 -3.14
C ASN A 234 -21.47 10.26 -1.76
N VAL A 235 -20.27 9.71 -1.51
CA VAL A 235 -20.00 9.06 -0.23
C VAL A 235 -19.29 10.01 0.73
N SER A 236 -19.88 10.18 1.91
CA SER A 236 -19.30 11.04 2.94
C SER A 236 -18.09 10.38 3.58
N VAL A 237 -17.29 11.17 4.28
CA VAL A 237 -16.11 10.66 4.96
C VAL A 237 -16.49 9.77 6.15
N GLU A 238 -17.41 10.26 6.98
CA GLU A 238 -17.87 9.51 8.14
C GLU A 238 -18.73 8.32 7.74
N THR A 239 -19.18 8.31 6.49
CA THR A 239 -20.01 7.23 5.97
C THR A 239 -19.16 6.02 5.55
N LEU A 240 -17.99 6.29 4.98
CA LEU A 240 -17.10 5.21 4.57
C LEU A 240 -16.30 4.68 5.76
N CYS A 241 -16.14 5.50 6.78
CA CYS A 241 -15.61 5.05 8.06
C CYS A 241 -16.78 4.66 8.97
N SER A 242 -17.65 3.81 8.43
CA SER A 242 -18.93 3.53 9.05
C SER A 242 -18.84 2.76 10.37
N GLY A 243 -17.83 1.91 10.49
CA GLY A 243 -17.64 1.14 11.70
C GLY A 243 -16.21 1.25 12.19
N LEU A 244 -15.63 2.42 12.01
CA LEU A 244 -14.22 2.63 12.32
C LEU A 244 -14.04 3.75 13.35
N PRO A 245 -12.97 3.67 14.16
CA PRO A 245 -12.66 4.65 15.21
C PRO A 245 -12.55 6.10 14.73
N LEU A 246 -12.43 7.01 15.70
CA LEU A 246 -12.35 8.44 15.43
C LEU A 246 -11.14 8.80 14.57
N GLU A 247 -10.03 8.11 14.81
CA GLU A 247 -8.77 8.43 14.12
C GLU A 247 -8.85 8.16 12.62
N PHE A 248 -9.67 7.19 12.23
CA PHE A 248 -9.83 6.84 10.82
C PHE A 248 -10.52 7.97 10.05
N GLN A 249 -11.52 8.58 10.67
CA GLN A 249 -12.19 9.74 10.08
C GLN A 249 -11.26 10.95 10.10
N GLU A 250 -10.55 11.11 11.21
CA GLU A 250 -9.66 12.24 11.41
C GLU A 250 -8.56 12.28 10.35
N TYR A 251 -8.04 11.10 9.99
CA TYR A 251 -7.01 10.99 8.98
C TYR A 251 -7.50 11.47 7.61
N MET A 252 -8.62 10.91 7.17
CA MET A 252 -9.19 11.24 5.87
C MET A 252 -9.58 12.72 5.79
N ALA A 253 -10.04 13.26 6.91
CA ALA A 253 -10.43 14.66 6.97
C ALA A 253 -9.23 15.58 6.73
N TYR A 254 -8.12 15.27 7.39
CA TYR A 254 -6.90 16.07 7.28
C TYR A 254 -6.31 15.98 5.88
N CYS A 255 -6.29 14.78 5.32
CA CYS A 255 -5.67 14.52 4.03
C CYS A 255 -6.41 15.21 2.88
N LYS A 256 -7.73 15.17 2.92
CA LYS A 256 -8.55 15.81 1.89
C LYS A 256 -8.53 17.32 2.05
N ASN A 257 -8.20 17.80 3.25
CA ASN A 257 -8.12 19.23 3.50
C ASN A 257 -6.67 19.72 3.53
N LEU A 258 -5.88 19.20 2.62
CA LEU A 258 -4.50 19.67 2.45
C LEU A 258 -4.41 20.48 1.16
N LYS A 259 -3.68 21.58 1.21
CA LYS A 259 -3.47 22.39 0.01
C LYS A 259 -2.51 21.65 -0.92
N PHE A 260 -2.52 22.03 -2.19
CA PHE A 260 -1.66 21.42 -3.19
C PHE A 260 -0.18 21.56 -2.80
N ASP A 261 0.21 22.76 -2.41
CA ASP A 261 1.59 23.03 -2.02
C ASP A 261 1.88 22.53 -0.61
N GLU A 262 0.82 22.36 0.19
CA GLU A 262 0.95 22.05 1.60
C GLU A 262 1.58 20.68 1.84
N LYS A 263 2.57 20.64 2.74
CA LYS A 263 3.13 19.37 3.16
C LYS A 263 2.38 18.86 4.38
N PRO A 264 2.15 17.55 4.45
CA PRO A 264 1.41 16.96 5.56
C PRO A 264 2.18 17.00 6.88
N ASP A 265 1.46 17.09 7.98
CA ASP A 265 2.06 16.91 9.30
C ASP A 265 2.10 15.42 9.60
N TYR A 266 3.16 14.77 9.10
CA TYR A 266 3.28 13.32 9.15
C TYR A 266 3.24 12.77 10.59
N LEU A 267 3.85 13.49 11.52
CA LEU A 267 3.88 13.07 12.91
C LEU A 267 2.49 13.07 13.53
N PHE A 268 1.63 13.97 13.04
CA PHE A 268 0.26 14.08 13.53
C PHE A 268 -0.55 12.84 13.18
N LEU A 269 -0.39 12.35 11.96
CA LEU A 269 -1.11 11.17 11.50
C LEU A 269 -0.47 9.90 12.06
N ALA A 270 0.83 9.96 12.32
CA ALA A 270 1.53 8.85 12.95
C ALA A 270 1.07 8.70 14.40
N ARG A 271 1.05 9.81 15.12
CA ARG A 271 0.54 9.83 16.50
C ARG A 271 -0.93 9.47 16.53
N LEU A 272 -1.65 9.82 15.47
CA LEU A 272 -3.08 9.56 15.35
C LEU A 272 -3.36 8.06 15.47
N PHE A 273 -2.62 7.25 14.73
CA PHE A 273 -2.82 5.81 14.73
C PHE A 273 -2.09 5.13 15.89
N LYS A 274 -0.97 5.70 16.32
CA LYS A 274 -0.21 5.13 17.43
C LYS A 274 -0.96 5.28 18.75
N ASP A 275 -1.58 6.44 18.95
CA ASP A 275 -2.36 6.68 20.16
C ASP A 275 -3.61 5.81 20.17
N LEU A 276 -4.19 5.60 19.00
CA LEU A 276 -5.32 4.69 18.87
C LEU A 276 -4.89 3.27 19.25
N SER A 277 -3.68 2.92 18.85
CA SER A 277 -3.09 1.63 19.18
C SER A 277 -2.92 1.49 20.69
N ILE A 278 -2.45 2.56 21.32
CA ILE A 278 -2.23 2.56 22.77
C ILE A 278 -3.56 2.49 23.53
N LYS A 279 -4.58 3.17 23.01
CA LYS A 279 -5.92 3.10 23.57
C LYS A 279 -6.44 1.66 23.54
N LEU A 280 -6.10 0.94 22.48
CA LEU A 280 -6.56 -0.43 22.29
C LEU A 280 -5.61 -1.44 22.94
N GLU A 281 -4.54 -0.92 23.56
CA GLU A 281 -3.51 -1.75 24.17
C GLU A 281 -2.92 -2.72 23.13
N TYR A 282 -2.59 -2.17 21.96
CA TYR A 282 -1.88 -2.93 20.94
C TYR A 282 -0.39 -2.67 21.08
N HIS A 283 0.42 -3.48 20.39
CA HIS A 283 1.86 -3.31 20.42
C HIS A 283 2.46 -3.60 19.06
N ASN A 284 3.65 -3.05 18.80
CA ASN A 284 4.37 -3.34 17.58
C ASN A 284 5.12 -4.67 17.67
N ASP A 285 4.38 -5.74 17.94
CA ASP A 285 4.96 -7.07 18.06
C ASP A 285 5.47 -7.58 16.71
N HIS A 286 5.01 -6.93 15.65
CA HIS A 286 5.19 -7.41 14.28
C HIS A 286 4.53 -8.78 14.10
N LEU A 287 3.58 -9.07 14.98
CA LEU A 287 2.75 -10.26 14.86
C LEU A 287 1.46 -9.89 14.14
N PHE A 288 1.41 -10.21 12.85
CA PHE A 288 0.26 -9.85 12.04
C PHE A 288 -0.77 -10.97 12.00
N ASP A 289 -1.89 -10.71 11.33
CA ASP A 289 -2.97 -11.69 11.20
C ASP A 289 -2.48 -12.97 10.53
N TRP A 290 -1.86 -12.82 9.37
CA TRP A 290 -1.37 -13.96 8.60
C TRP A 290 -0.31 -14.75 9.36
N THR A 291 0.41 -14.07 10.24
CA THR A 291 1.46 -14.71 11.04
C THR A 291 0.87 -15.76 11.98
N MET A 292 -0.11 -15.32 12.78
CA MET A 292 -0.72 -16.19 13.77
C MET A 292 -1.66 -17.20 13.13
N LEU A 293 -2.22 -16.85 11.97
CA LEU A 293 -3.05 -17.79 11.22
C LEU A 293 -2.20 -18.94 10.68
N ARG A 294 -1.01 -18.61 10.18
CA ARG A 294 -0.08 -19.61 9.67
C ARG A 294 0.42 -20.51 10.80
N TYR A 295 0.62 -19.92 11.98
CA TYR A 295 1.12 -20.67 13.13
C TYR A 295 0.10 -21.70 13.62
N THR A 296 -1.15 -21.29 13.72
CA THR A 296 -2.22 -22.19 14.15
C THR A 296 -2.46 -23.27 13.10
N LYS A 297 -2.22 -22.94 11.83
CA LYS A 297 -2.42 -23.88 10.74
C LYS A 297 -1.25 -24.85 10.65
N ALA A 298 -0.13 -24.49 11.26
CA ALA A 298 1.05 -25.35 11.29
C ALA A 298 0.77 -26.58 12.14
N MET A 299 -0.03 -26.41 13.19
CA MET A 299 -0.35 -27.49 14.10
C MET A 299 -1.33 -28.47 13.46
N THR A 332 -13.57 -24.69 4.76
CA THR A 332 -12.34 -23.99 4.46
C THR A 332 -11.61 -23.58 5.74
N PHE A 333 -10.85 -22.49 5.66
CA PHE A 333 -10.03 -22.04 6.78
C PHE A 333 -10.81 -21.27 7.85
N ASN A 334 -12.14 -21.26 7.73
CA ASN A 334 -12.99 -20.62 8.73
C ASN A 334 -12.78 -21.22 10.11
N LYS A 335 -12.37 -22.48 10.15
CA LYS A 335 -12.06 -23.17 11.39
C LYS A 335 -10.79 -22.61 12.04
N ILE A 336 -9.74 -22.45 11.23
CA ILE A 336 -8.44 -21.97 11.71
C ILE A 336 -8.55 -20.56 12.31
N LYS A 337 -9.32 -19.71 11.63
CA LYS A 337 -9.55 -18.34 12.09
C LYS A 337 -10.19 -18.33 13.47
N LEU A 338 -11.17 -19.20 13.68
CA LEU A 338 -11.86 -19.30 14.96
C LEU A 338 -10.91 -19.79 16.05
N LEU A 339 -9.96 -20.64 15.66
CA LEU A 339 -8.97 -21.18 16.59
C LEU A 339 -7.95 -20.11 16.99
N ALA A 340 -7.42 -19.41 15.99
CA ALA A 340 -6.39 -18.39 16.24
C ALA A 340 -6.90 -17.29 17.16
N MET A 341 -8.17 -16.95 17.04
CA MET A 341 -8.77 -15.93 17.89
C MET A 341 -8.80 -16.36 19.35
N LYS A 342 -9.08 -17.64 19.59
CA LYS A 342 -9.13 -18.16 20.93
C LYS A 342 -7.73 -18.29 21.53
N LYS A 343 -6.73 -18.39 20.67
CA LYS A 343 -5.34 -18.49 21.12
C LYS A 343 -4.78 -17.12 21.47
N PHE A 344 -5.06 -16.14 20.63
CA PHE A 344 -4.62 -14.77 20.86
C PHE A 344 -5.81 -13.83 20.86
N PRO A 345 -6.59 -13.83 21.95
CA PRO A 345 -7.81 -13.02 22.03
C PRO A 345 -7.52 -11.51 22.04
N THR A 346 -6.34 -11.13 22.49
CA THR A 346 -5.97 -9.72 22.58
C THR A 346 -5.76 -9.10 21.20
N HIS A 347 -5.20 -9.89 20.29
CA HIS A 347 -4.75 -9.39 19.01
C HIS A 347 -5.87 -9.17 18.00
N PHE A 348 -6.83 -10.09 17.96
CA PHE A 348 -7.84 -10.09 16.91
C PHE A 348 -9.11 -9.32 17.26
N HIS A 349 -9.22 -8.11 16.72
CA HIS A 349 -10.45 -7.32 16.80
C HIS A 349 -10.88 -6.98 15.38
N TYR A 350 -12.19 -7.02 15.12
CA TYR A 350 -12.66 -6.90 13.74
C TYR A 350 -13.73 -5.84 13.52
N TYR A 351 -14.10 -5.66 12.25
CA TYR A 351 -15.13 -4.72 11.85
C TYR A 351 -16.41 -5.46 11.49
N LYS A 352 -17.53 -4.96 11.98
CA LYS A 352 -18.84 -5.55 11.71
C LYS A 352 -19.53 -4.82 10.56
N ASN A 353 -19.86 -5.57 9.50
CA ASN A 353 -20.26 -5.00 8.22
C ASN A 353 -21.51 -4.11 8.24
N GLU A 354 -22.41 -4.36 9.18
CA GLU A 354 -23.69 -3.64 9.22
C GLU A 354 -23.61 -2.35 10.05
N ASP A 355 -22.57 -2.23 10.86
CA ASP A 355 -22.45 -1.13 11.81
C ASP A 355 -22.24 0.24 11.19
N LYS A 356 -23.11 1.19 11.54
CA LYS A 356 -22.87 2.60 11.30
C LYS A 356 -22.56 3.25 12.64
N HIS A 357 -21.27 3.30 12.99
CA HIS A 357 -20.88 3.52 14.37
C HIS A 357 -19.42 3.98 14.47
N ASN A 358 -19.09 4.66 15.56
CA ASN A 358 -17.70 4.97 15.87
C ASN A 358 -17.26 4.24 17.13
N PRO A 359 -16.87 2.97 16.97
CA PRO A 359 -16.51 2.10 18.10
C PRO A 359 -15.41 2.69 18.97
N SER A 360 -15.76 2.98 20.23
CA SER A 360 -14.80 3.44 21.22
C SER A 360 -13.71 2.39 21.40
N PRO A 361 -12.49 2.83 21.73
CA PRO A 361 -11.38 1.92 22.01
C PRO A 361 -11.75 0.84 23.02
N GLU A 362 -12.47 1.23 24.07
CA GLU A 362 -12.89 0.30 25.11
C GLU A 362 -13.93 -0.69 24.60
N GLU A 363 -14.83 -0.22 23.73
CA GLU A 363 -15.85 -1.07 23.13
C GLU A 363 -15.19 -2.18 22.31
N ILE A 364 -14.16 -1.81 21.55
CA ILE A 364 -13.43 -2.76 20.74
C ILE A 364 -12.61 -3.70 21.63
N LYS A 365 -12.09 -3.17 22.72
CA LYS A 365 -11.31 -3.97 23.68
C LYS A 365 -12.16 -5.01 24.41
N GLN A 366 -13.47 -4.97 24.17
CA GLN A 366 -14.37 -5.98 24.74
C GLN A 366 -14.52 -7.17 23.82
N GLN A 367 -13.92 -7.07 22.63
CA GLN A 367 -13.91 -8.18 21.68
C GLN A 367 -12.80 -9.14 22.09
N THR A 368 -11.92 -8.65 22.96
CA THR A 368 -10.87 -9.45 23.56
C THR A 368 -11.46 -10.41 24.60
N ILE A 369 -12.32 -9.89 25.47
CA ILE A 369 -12.90 -10.71 26.54
C ILE A 369 -13.89 -11.73 25.95
N LEU A 370 -14.36 -11.45 24.73
CA LEU A 370 -15.25 -12.36 24.00
C LEU A 370 -14.51 -13.62 23.55
N ASN A 371 -13.38 -13.43 22.88
CA ASN A 371 -12.55 -14.53 22.40
C ASN A 371 -11.86 -15.25 23.54
#